data_2AP3
#
_entry.id   2AP3
#
_cell.length_a   32.240
_cell.length_b   45.762
_cell.length_c   72.485
_cell.angle_alpha   90.00
_cell.angle_beta   90.66
_cell.angle_gamma   90.00
#
_symmetry.space_group_name_H-M   'P 1 21 1'
#
loop_
_entity.id
_entity.type
_entity.pdbx_description
1 polymer 'conserved hypothetical protein'
2 water water
#
_entity_poly.entity_id   1
_entity_poly.type   'polypeptide(L)'
_entity_poly.pdbx_seq_one_letter_code
;AHMGIQRPTSTTTDKKEIKAYLKQVDKIKDDEEPIKTVGKKIAELDEKKKKLTEDVNSKDTAVRGKAVKDLIKNADDRLK
EFEKEEDAIKKSEQDFKKAKSHVDNIDNDVKRKEVKQLDDVLKEKYKLHSDYAKAYKKAVNSEKTLFKYLNQNDATQQGV
NEKSKAIEQNYKKLKEVSDKYTKVLNKVQKEKQDVDQFK
;
_entity_poly.pdbx_strand_id   A
#
# COMPACT_ATOMS: atom_id res chain seq x y z
N ALA A 1 -24.11 -40.32 25.72
CA ALA A 1 -25.45 -40.17 25.07
C ALA A 1 -25.98 -41.52 24.64
N HIS A 2 -27.31 -41.60 24.50
CA HIS A 2 -27.98 -42.78 23.97
C HIS A 2 -27.33 -43.21 22.67
N MET A 3 -26.98 -44.50 22.58
CA MET A 3 -26.30 -45.10 21.41
C MET A 3 -24.98 -44.42 21.03
N GLY A 4 -24.42 -43.66 21.96
CA GLY A 4 -23.21 -42.87 21.72
C GLY A 4 -23.38 -41.83 20.63
N ILE A 5 -24.61 -41.37 20.44
CA ILE A 5 -24.89 -40.37 19.39
C ILE A 5 -24.10 -39.10 19.62
N GLN A 6 -23.47 -38.61 18.56
CA GLN A 6 -22.69 -37.37 18.61
C GLN A 6 -23.21 -36.39 17.58
N ARG A 7 -23.46 -35.18 18.06
CA ARG A 7 -23.86 -34.06 17.24
C ARG A 7 -23.02 -32.84 17.65
N PRO A 8 -22.96 -31.84 16.78
CA PRO A 8 -22.06 -30.72 17.01
C PRO A 8 -22.24 -29.97 18.35
N THR A 9 -21.11 -29.67 18.98
CA THR A 9 -21.08 -28.86 20.20
C THR A 9 -20.94 -27.38 19.79
N SER A 10 -21.16 -26.46 20.72
CA SER A 10 -20.93 -25.04 20.42
C SER A 10 -19.50 -24.85 19.94
N THR A 11 -18.57 -25.63 20.50
CA THR A 11 -17.16 -25.50 20.12
C THR A 11 -16.94 -25.92 18.68
N THR A 12 -17.57 -27.03 18.27
CA THR A 12 -17.44 -27.44 16.88
C THR A 12 -18.07 -26.46 15.90
N THR A 13 -19.22 -25.92 16.29
CA THR A 13 -19.95 -25.01 15.44
C THR A 13 -19.20 -23.65 15.32
N ASP A 14 -18.63 -23.18 16.43
CA ASP A 14 -17.81 -21.97 16.41
C ASP A 14 -16.61 -22.14 15.50
N LYS A 15 -15.97 -23.31 15.58
CA LYS A 15 -14.84 -23.63 14.68
C LYS A 15 -15.24 -23.48 13.23
N LYS A 16 -16.39 -24.05 12.87
CA LYS A 16 -16.95 -23.96 11.52
C LYS A 16 -17.09 -22.50 11.09
N GLU A 17 -17.56 -21.67 12.02
CA GLU A 17 -17.84 -20.28 11.74
C GLU A 17 -16.56 -19.48 11.59
N ILE A 18 -15.57 -19.81 12.42
CA ILE A 18 -14.26 -19.14 12.37
C ILE A 18 -13.55 -19.50 11.07
N LYS A 19 -13.70 -20.76 10.65
CA LYS A 19 -13.17 -21.23 9.35
C LYS A 19 -13.71 -20.44 8.17
N ALA A 20 -15.03 -20.21 8.16
CA ALA A 20 -15.70 -19.44 7.11
C ALA A 20 -15.28 -17.98 7.12
N TYR A 21 -15.08 -17.43 8.32
CA TYR A 21 -14.59 -16.06 8.48
C TYR A 21 -13.18 -15.91 7.93
N LEU A 22 -12.28 -16.78 8.39
CA LEU A 22 -10.88 -16.70 7.98
C LEU A 22 -10.73 -16.95 6.48
N LYS A 23 -11.69 -17.67 5.89
CA LYS A 23 -11.75 -17.91 4.43
C LYS A 23 -12.15 -16.67 3.63
N GLN A 24 -13.11 -15.91 4.14
CA GLN A 24 -13.52 -14.66 3.50
C GLN A 24 -12.36 -13.67 3.55
N VAL A 25 -11.66 -13.64 4.68
CA VAL A 25 -10.50 -12.75 4.85
C VAL A 25 -9.33 -13.15 3.93
N ASP A 26 -9.16 -14.45 3.71
CA ASP A 26 -8.08 -14.91 2.83
C ASP A 26 -8.40 -14.77 1.34
N LYS A 27 -9.68 -14.86 0.98
CA LYS A 27 -10.12 -14.64 -0.40
C LYS A 27 -9.84 -13.19 -0.78
N ILE A 28 -10.16 -12.29 0.14
CA ILE A 28 -9.90 -10.87 -0.05
C ILE A 28 -8.39 -10.62 -0.18
N LYS A 29 -7.60 -11.31 0.62
CA LYS A 29 -6.15 -11.12 0.59
C LYS A 29 -5.57 -11.64 -0.73
N ASP A 30 -6.10 -12.78 -1.19
CA ASP A 30 -5.75 -13.35 -2.50
C ASP A 30 -5.99 -12.35 -3.63
N ASP A 31 -7.16 -11.72 -3.61
CA ASP A 31 -7.58 -10.78 -4.64
C ASP A 31 -6.74 -9.49 -4.69
N GLU A 32 -5.86 -9.31 -3.70
CA GLU A 32 -4.92 -8.20 -3.67
C GLU A 32 -3.59 -8.51 -4.37
N GLU A 33 -3.49 -9.70 -4.96
CA GLU A 33 -2.26 -10.12 -5.66
C GLU A 33 -1.79 -9.09 -6.70
N PRO A 34 -2.73 -8.49 -7.47
CA PRO A 34 -2.38 -7.38 -8.37
C PRO A 34 -1.55 -6.24 -7.78
N ILE A 35 -1.61 -6.01 -6.46
CA ILE A 35 -0.77 -5.02 -5.79
C ILE A 35 0.71 -5.41 -5.92
N LYS A 36 1.01 -6.72 -5.91
CA LYS A 36 2.38 -7.16 -6.13
C LYS A 36 2.88 -6.79 -7.53
N THR A 37 2.02 -6.94 -8.53
CA THR A 37 2.35 -6.60 -9.92
C THR A 37 2.59 -5.10 -10.05
N VAL A 38 1.75 -4.31 -9.39
CA VAL A 38 1.97 -2.85 -9.34
C VAL A 38 3.36 -2.50 -8.78
N GLY A 39 3.71 -3.12 -7.65
CA GLY A 39 5.03 -2.92 -7.06
C GLY A 39 6.17 -3.25 -8.01
N LYS A 40 6.05 -4.35 -8.74
CA LYS A 40 7.08 -4.68 -9.74
C LYS A 40 7.16 -3.63 -10.85
N LYS A 41 6.00 -3.17 -11.32
CA LYS A 41 5.98 -2.22 -12.42
C LYS A 41 6.55 -0.86 -11.97
N ILE A 42 6.21 -0.45 -10.75
CA ILE A 42 6.79 0.78 -10.21
C ILE A 42 8.29 0.62 -9.97
N ALA A 43 8.72 -0.56 -9.54
CA ALA A 43 10.17 -0.78 -9.38
C ALA A 43 10.92 -0.65 -10.73
N GLU A 44 10.33 -1.17 -11.80
CA GLU A 44 10.90 -1.01 -13.13
C GLU A 44 10.98 0.48 -13.49
N LEU A 45 9.91 1.22 -13.18
CA LEU A 45 9.91 2.66 -13.45
C LEU A 45 10.96 3.41 -12.64
N ASP A 46 11.18 2.96 -11.41
CA ASP A 46 12.17 3.58 -10.51
C ASP A 46 13.57 3.32 -11.10
N GLU A 47 13.78 2.13 -11.66
CA GLU A 47 15.08 1.85 -12.28
C GLU A 47 15.33 2.67 -13.53
N LYS A 48 14.26 2.89 -14.31
CA LYS A 48 14.39 3.72 -15.50
C LYS A 48 14.69 5.18 -15.14
N LYS A 49 14.04 5.65 -14.08
CA LYS A 49 14.28 7.00 -13.55
C LYS A 49 15.74 7.17 -13.20
N LYS A 50 16.33 6.19 -12.48
CA LYS A 50 17.74 6.32 -12.06
C LYS A 50 18.66 6.43 -13.25
N LYS A 51 18.27 5.76 -14.33
CA LYS A 51 19.09 5.78 -15.54
C LYS A 51 19.05 7.09 -16.32
N LEU A 52 18.33 8.08 -15.79
CA LEU A 52 18.38 9.43 -16.37
C LEU A 52 19.28 10.42 -15.60
N THR A 53 20.04 9.88 -14.65
CA THR A 53 20.82 10.70 -13.74
C THR A 53 21.93 11.45 -14.46
N GLU A 54 22.59 10.76 -15.40
CA GLU A 54 23.64 11.39 -16.19
C GLU A 54 23.02 12.43 -17.13
N ASP A 55 21.95 12.03 -17.81
CA ASP A 55 21.42 12.88 -18.85
C ASP A 55 20.82 14.18 -18.29
N VAL A 56 20.30 14.14 -17.06
CA VAL A 56 19.67 15.35 -16.52
C VAL A 56 20.63 16.53 -16.40
N ASN A 57 21.93 16.24 -16.39
CA ASN A 57 22.95 17.30 -16.34
C ASN A 57 23.77 17.40 -17.62
N SER A 58 23.28 16.78 -18.69
CA SER A 58 24.03 16.77 -19.95
C SER A 58 24.32 18.17 -20.49
N LYS A 59 25.50 18.32 -21.09
CA LYS A 59 25.86 19.58 -21.74
C LYS A 59 25.20 19.70 -23.12
N ASP A 60 24.72 18.56 -23.63
CA ASP A 60 23.95 18.55 -24.86
C ASP A 60 22.53 18.97 -24.50
N THR A 61 22.14 20.18 -24.90
CA THR A 61 20.81 20.70 -24.54
C THR A 61 19.64 19.81 -24.93
N ALA A 62 19.79 19.11 -26.06
CA ALA A 62 18.75 18.18 -26.49
C ALA A 62 18.66 16.94 -25.59
N VAL A 63 19.81 16.42 -25.19
CA VAL A 63 19.84 15.24 -24.30
C VAL A 63 19.28 15.61 -22.95
N ARG A 64 19.71 16.77 -22.45
CA ARG A 64 19.17 17.26 -21.18
C ARG A 64 17.67 17.49 -21.22
N GLY A 65 17.19 18.16 -22.26
CA GLY A 65 15.77 18.47 -22.35
C GLY A 65 14.94 17.21 -22.44
N LYS A 66 15.41 16.24 -23.22
CA LYS A 66 14.68 14.96 -23.29
C LYS A 66 14.64 14.26 -21.93
N ALA A 67 15.76 14.31 -21.18
CA ALA A 67 15.80 13.65 -19.86
C ALA A 67 14.78 14.32 -18.93
N VAL A 68 14.72 15.65 -18.97
CA VAL A 68 13.77 16.35 -18.09
C VAL A 68 12.34 15.97 -18.45
N LYS A 69 12.03 15.99 -19.74
CA LYS A 69 10.66 15.61 -20.16
C LYS A 69 10.35 14.15 -19.82
N ASP A 70 11.35 13.29 -19.95
CA ASP A 70 11.18 11.89 -19.59
C ASP A 70 10.97 11.68 -18.09
N LEU A 71 11.64 12.52 -17.29
CA LEU A 71 11.48 12.46 -15.84
C LEU A 71 10.07 12.87 -15.41
N ILE A 72 9.49 13.85 -16.10
CA ILE A 72 8.12 14.28 -15.82
C ILE A 72 7.19 13.14 -16.16
N LYS A 73 7.36 12.57 -17.36
CA LYS A 73 6.51 11.46 -17.80
C LYS A 73 6.61 10.29 -16.82
N ASN A 74 7.83 10.02 -16.38
CA ASN A 74 8.08 8.90 -15.47
C ASN A 74 7.37 9.08 -14.11
N ALA A 75 7.34 10.31 -13.62
CA ALA A 75 6.59 10.58 -12.38
C ALA A 75 5.09 10.34 -12.62
N ASP A 76 4.56 10.85 -13.74
CA ASP A 76 3.16 10.54 -14.12
C ASP A 76 2.92 9.04 -14.21
N ASP A 77 3.88 8.32 -14.77
CA ASP A 77 3.70 6.90 -15.01
C ASP A 77 3.65 6.15 -13.69
N ARG A 78 4.48 6.56 -12.74
CA ARG A 78 4.49 5.91 -11.43
C ARG A 78 3.19 6.18 -10.70
N LEU A 79 2.73 7.43 -10.72
CA LEU A 79 1.44 7.73 -10.12
C LEU A 79 0.28 6.97 -10.77
N LYS A 80 0.31 6.85 -12.09
CA LYS A 80 -0.76 6.16 -12.80
C LYS A 80 -0.76 4.68 -12.38
N GLU A 81 0.41 4.05 -12.40
CA GLU A 81 0.49 2.67 -11.96
C GLU A 81 0.01 2.52 -10.52
N PHE A 82 0.38 3.46 -9.64
CA PHE A 82 -0.03 3.37 -8.24
C PHE A 82 -1.55 3.41 -8.06
N GLU A 83 -2.27 4.06 -8.99
CA GLU A 83 -3.74 4.08 -8.93
C GLU A 83 -4.30 2.67 -8.80
N LYS A 84 -3.69 1.71 -9.50
CA LYS A 84 -4.15 0.32 -9.47
C LYS A 84 -4.08 -0.23 -8.04
N GLU A 85 -3.04 0.12 -7.29
CA GLU A 85 -2.93 -0.30 -5.87
C GLU A 85 -4.03 0.36 -5.04
N GLU A 86 -4.24 1.65 -5.26
CA GLU A 86 -5.28 2.36 -4.54
C GLU A 86 -6.63 1.74 -4.82
N ASP A 87 -6.90 1.44 -6.09
CA ASP A 87 -8.18 0.85 -6.51
C ASP A 87 -8.35 -0.53 -5.90
N ALA A 88 -7.25 -1.28 -5.76
CA ALA A 88 -7.33 -2.64 -5.25
C ALA A 88 -7.69 -2.61 -3.78
N ILE A 89 -7.08 -1.70 -3.04
CA ILE A 89 -7.34 -1.59 -1.61
C ILE A 89 -8.77 -1.10 -1.39
N LYS A 90 -9.25 -0.24 -2.28
CA LYS A 90 -10.66 0.17 -2.24
C LYS A 90 -11.56 -1.05 -2.40
N LYS A 91 -11.22 -1.91 -3.35
CA LYS A 91 -12.02 -3.12 -3.64
C LYS A 91 -12.00 -4.07 -2.44
N SER A 92 -10.80 -4.25 -1.88
CA SER A 92 -10.58 -5.11 -0.73
C SER A 92 -11.41 -4.65 0.47
N GLU A 93 -11.40 -3.34 0.75
CA GLU A 93 -12.14 -2.80 1.88
C GLU A 93 -13.64 -2.98 1.68
N GLN A 94 -14.10 -2.79 0.44
CA GLN A 94 -15.53 -2.99 0.11
C GLN A 94 -15.97 -4.42 0.37
N ASP A 95 -15.11 -5.38 0.04
CA ASP A 95 -15.39 -6.79 0.26
C ASP A 95 -15.25 -7.16 1.74
N PHE A 96 -14.37 -6.46 2.44
CA PHE A 96 -14.11 -6.70 3.85
C PHE A 96 -15.34 -6.51 4.71
N LYS A 97 -15.99 -5.35 4.56
CA LYS A 97 -17.13 -4.97 5.40
C LYS A 97 -18.28 -5.97 5.35
N LYS A 98 -18.29 -6.81 4.31
CA LYS A 98 -19.30 -7.84 4.12
C LYS A 98 -19.01 -9.09 4.95
N ALA A 99 -17.76 -9.23 5.39
CA ALA A 99 -17.33 -10.38 6.18
C ALA A 99 -17.51 -10.14 7.69
CA ASP A 104 -21.13 -12.65 15.09
C ASP A 104 -21.32 -14.14 14.75
N ASN A 105 -22.36 -14.73 15.34
CA ASN A 105 -22.62 -16.16 15.22
C ASN A 105 -21.66 -17.01 16.05
N ILE A 106 -20.59 -16.40 16.59
CA ILE A 106 -19.67 -17.13 17.47
C ILE A 106 -20.25 -17.07 18.88
N ASP A 107 -20.54 -18.25 19.44
CA ASP A 107 -21.15 -18.36 20.77
C ASP A 107 -20.14 -18.06 21.87
N ASN A 108 -18.92 -18.56 21.71
CA ASN A 108 -17.87 -18.41 22.72
C ASN A 108 -17.42 -16.95 22.79
N ASP A 109 -17.65 -16.35 23.95
CA ASP A 109 -17.41 -14.92 24.09
C ASP A 109 -15.95 -14.54 24.03
N VAL A 110 -15.09 -15.45 24.46
CA VAL A 110 -13.66 -15.20 24.44
C VAL A 110 -13.23 -15.18 22.99
N LYS A 111 -13.72 -16.19 22.25
CA LYS A 111 -13.31 -16.31 20.85
C LYS A 111 -13.93 -15.21 20.01
N ARG A 112 -15.15 -14.80 20.34
CA ARG A 112 -15.82 -13.72 19.61
C ARG A 112 -15.08 -12.37 19.73
N LYS A 113 -14.51 -12.12 20.91
CA LYS A 113 -13.72 -10.90 21.10
C LYS A 113 -12.43 -10.93 20.30
N GLU A 114 -11.82 -12.12 20.17
CA GLU A 114 -10.62 -12.24 19.37
C GLU A 114 -10.93 -11.86 17.91
N VAL A 115 -12.13 -12.25 17.45
CA VAL A 115 -12.57 -11.97 16.08
C VAL A 115 -12.79 -10.48 15.85
N LYS A 116 -13.47 -9.83 16.79
CA LYS A 116 -13.69 -8.39 16.73
C LYS A 116 -12.35 -7.65 16.69
N GLN A 117 -11.36 -8.19 17.39
CA GLN A 117 -10.03 -7.60 17.42
C GLN A 117 -9.32 -7.74 16.08
N LEU A 118 -9.43 -8.91 15.45
CA LEU A 118 -8.90 -9.09 14.10
C LEU A 118 -9.55 -8.11 13.12
N ASP A 119 -10.88 -7.97 13.21
CA ASP A 119 -11.63 -6.98 12.40
C ASP A 119 -11.16 -5.56 12.61
N ASP A 120 -10.83 -5.23 13.85
CA ASP A 120 -10.37 -3.89 14.16
C ASP A 120 -9.00 -3.61 13.59
N VAL A 121 -8.14 -4.63 13.57
CA VAL A 121 -6.80 -4.51 13.01
C VAL A 121 -6.88 -4.42 11.50
N LEU A 122 -7.81 -5.17 10.90
CA LEU A 122 -8.04 -5.05 9.45
C LEU A 122 -8.56 -3.66 9.10
N LYS A 123 -9.47 -3.12 9.93
CA LYS A 123 -9.88 -1.72 9.79
C LYS A 123 -8.69 -0.76 9.86
N GLU A 124 -7.78 -0.99 10.79
CA GLU A 124 -6.59 -0.15 10.93
C GLU A 124 -5.70 -0.27 9.68
N LYS A 125 -5.67 -1.47 9.09
CA LYS A 125 -4.88 -1.72 7.85
C LYS A 125 -5.35 -0.78 6.76
N TYR A 126 -6.66 -0.76 6.52
CA TYR A 126 -7.21 0.08 5.46
C TYR A 126 -6.99 1.56 5.70
N LYS A 127 -7.07 1.99 6.96
CA LYS A 127 -6.81 3.38 7.30
C LYS A 127 -5.34 3.74 7.06
N LEU A 128 -4.44 2.87 7.50
CA LEU A 128 -3.03 3.15 7.33
C LEU A 128 -2.63 3.09 5.87
N HIS A 129 -3.31 2.27 5.07
CA HIS A 129 -2.99 2.32 3.64
C HIS A 129 -3.33 3.67 3.02
N SER A 130 -4.47 4.25 3.41
CA SER A 130 -4.83 5.60 2.94
C SER A 130 -3.74 6.63 3.28
N ASP A 131 -3.21 6.57 4.51
CA ASP A 131 -2.11 7.46 4.93
C ASP A 131 -0.88 7.21 4.06
N TYR A 132 -0.57 5.94 3.85
CA TYR A 132 0.57 5.55 3.01
C TYR A 132 0.41 6.07 1.55
N ALA A 133 -0.77 5.85 0.97
CA ALA A 133 -1.05 6.31 -0.40
C ALA A 133 -0.90 7.84 -0.49
N LYS A 134 -1.42 8.56 0.49
CA LYS A 134 -1.28 10.03 0.50
C LYS A 134 0.22 10.42 0.53
N ALA A 135 0.99 9.73 1.37
CA ALA A 135 2.41 10.06 1.52
C ALA A 135 3.21 9.71 0.25
N TYR A 136 2.88 8.59 -0.37
CA TYR A 136 3.55 8.19 -1.59
C TYR A 136 3.27 9.18 -2.71
N LYS A 137 1.98 9.49 -2.93
CA LYS A 137 1.62 10.48 -3.96
C LYS A 137 2.26 11.86 -3.74
N LYS A 138 2.32 12.29 -2.48
CA LYS A 138 2.92 13.58 -2.17
C LYS A 138 4.38 13.56 -2.60
N ALA A 139 5.06 12.46 -2.26
CA ALA A 139 6.49 12.35 -2.57
C ALA A 139 6.72 12.39 -4.10
N VAL A 140 6.00 11.56 -4.85
CA VAL A 140 6.20 11.48 -6.32
C VAL A 140 5.78 12.79 -6.99
N ASN A 141 4.69 13.38 -6.51
CA ASN A 141 4.32 14.69 -6.99
C ASN A 141 5.39 15.76 -6.72
N SER A 142 6.09 15.67 -5.59
CA SER A 142 7.14 16.67 -5.29
C SER A 142 8.37 16.50 -6.20
N GLU A 143 8.59 15.27 -6.69
CA GLU A 143 9.61 15.02 -7.71
C GLU A 143 9.18 15.69 -9.01
N LYS A 144 7.93 15.44 -9.40
CA LYS A 144 7.36 16.06 -10.58
C LYS A 144 7.51 17.60 -10.55
N THR A 145 7.25 18.21 -9.40
CA THR A 145 7.39 19.65 -9.23
C THR A 145 8.83 20.11 -9.52
N LEU A 146 9.81 19.36 -9.02
CA LEU A 146 11.20 19.69 -9.35
C LEU A 146 11.44 19.56 -10.85
N PHE A 147 10.94 18.48 -11.46
CA PHE A 147 11.23 18.29 -12.89
C PHE A 147 10.59 19.35 -13.77
N LYS A 148 9.38 19.78 -13.41
CA LYS A 148 8.73 20.88 -14.14
C LYS A 148 9.55 22.16 -14.04
N TYR A 149 10.13 22.40 -12.86
CA TYR A 149 10.99 23.57 -12.68
C TYR A 149 12.20 23.51 -13.62
N LEU A 150 12.75 22.32 -13.81
CA LEU A 150 13.86 22.18 -14.77
C LEU A 150 13.46 22.39 -16.23
N ASN A 151 12.15 22.21 -16.55
CA ASN A 151 11.61 22.25 -17.94
C ASN A 151 11.21 23.67 -18.39
N GLN A 152 11.67 24.65 -17.64
CA GLN A 152 11.54 26.04 -18.08
C GLN A 152 12.90 26.69 -18.10
N ASN A 153 12.98 27.84 -18.77
CA ASN A 153 14.23 28.56 -18.89
C ASN A 153 14.72 29.07 -17.55
N ASP A 154 16.05 29.15 -17.39
CA ASP A 154 16.66 29.86 -16.24
C ASP A 154 16.52 29.20 -14.84
N ALA A 155 16.54 27.86 -14.79
CA ALA A 155 16.57 27.16 -13.50
C ALA A 155 17.91 27.43 -12.83
N THR A 156 17.88 27.58 -11.50
CA THR A 156 19.10 27.80 -10.69
C THR A 156 19.35 26.67 -9.68
N GLN A 157 20.60 26.56 -9.23
CA GLN A 157 20.94 25.62 -8.16
C GLN A 157 20.15 25.87 -6.88
N GLN A 158 20.00 27.15 -6.52
CA GLN A 158 19.23 27.54 -5.35
C GLN A 158 17.80 26.97 -5.44
N GLY A 159 17.17 27.11 -6.61
CA GLY A 159 15.82 26.59 -6.83
C GLY A 159 15.77 25.07 -6.74
N VAL A 160 16.72 24.42 -7.40
CA VAL A 160 16.84 22.96 -7.34
C VAL A 160 16.96 22.51 -5.89
N ASN A 161 17.81 23.17 -5.10
CA ASN A 161 18.03 22.75 -3.73
C ASN A 161 16.79 22.90 -2.87
N GLU A 162 16.06 23.99 -3.10
CA GLU A 162 14.85 24.29 -2.34
C GLU A 162 13.77 23.27 -2.63
N LYS A 163 13.69 22.84 -3.87
CA LYS A 163 12.71 21.82 -4.22
C LYS A 163 13.12 20.42 -3.79
N SER A 164 14.43 20.19 -3.74
CA SER A 164 15.01 18.94 -3.30
C SER A 164 14.77 18.66 -1.81
N LYS A 165 14.98 19.66 -0.96
CA LYS A 165 14.68 19.50 0.48
C LYS A 165 13.24 19.04 0.74
N ALA A 166 12.27 19.58 -0.02
CA ALA A 166 10.86 19.16 0.11
C ALA A 166 10.67 17.68 -0.25
N ILE A 167 11.30 17.26 -1.35
CA ILE A 167 11.34 15.85 -1.72
C ILE A 167 11.91 15.01 -0.56
N GLU A 168 13.08 15.40 -0.03
CA GLU A 168 13.66 14.71 1.11
C GLU A 168 12.70 14.60 2.27
N GLN A 169 12.04 15.70 2.61
CA GLN A 169 11.16 15.69 3.78
C GLN A 169 9.96 14.76 3.54
N ASN A 170 9.46 14.80 2.31
CA ASN A 170 8.35 13.94 1.94
C ASN A 170 8.70 12.47 2.01
N TYR A 171 9.96 12.15 1.68
CA TYR A 171 10.41 10.76 1.80
C TYR A 171 10.62 10.34 3.26
N LYS A 172 11.01 11.27 4.13
CA LYS A 172 11.14 10.99 5.57
C LYS A 172 9.78 10.61 6.10
N LYS A 173 8.78 11.40 5.73
CA LYS A 173 7.42 11.13 6.14
C LYS A 173 6.89 9.83 5.56
N LEU A 174 7.22 9.54 4.29
CA LEU A 174 6.77 8.30 3.66
C LEU A 174 7.35 7.09 4.41
N LYS A 175 8.62 7.20 4.83
CA LYS A 175 9.24 6.14 5.64
C LYS A 175 8.53 5.88 6.98
N GLU A 176 8.17 6.95 7.68
CA GLU A 176 7.45 6.83 8.94
C GLU A 176 6.13 6.07 8.72
N VAL A 177 5.39 6.42 7.68
CA VAL A 177 4.07 5.80 7.46
C VAL A 177 4.17 4.39 6.85
N SER A 178 5.16 4.19 5.98
CA SER A 178 5.41 2.89 5.38
C SER A 178 5.77 1.87 6.47
N ASP A 179 6.66 2.27 7.40
CA ASP A 179 7.00 1.47 8.61
C ASP A 179 5.76 1.10 9.43
N LYS A 180 4.88 2.06 9.64
CA LYS A 180 3.64 1.82 10.39
C LYS A 180 2.75 0.82 9.66
N TYR A 181 2.71 0.91 8.34
CA TYR A 181 1.86 0.03 7.54
C TYR A 181 2.40 -1.40 7.57
N THR A 182 3.71 -1.54 7.42
CA THR A 182 4.34 -2.87 7.50
C THR A 182 4.08 -3.49 8.87
N LYS A 183 4.17 -2.68 9.92
CA LYS A 183 3.79 -3.11 11.26
C LYS A 183 2.36 -3.66 11.33
N VAL A 184 1.41 -2.98 10.69
CA VAL A 184 0.01 -3.40 10.80
C VAL A 184 -0.25 -4.68 10.02
N LEU A 185 0.47 -4.87 8.91
CA LEU A 185 0.33 -6.09 8.13
C LEU A 185 0.78 -7.26 8.99
N ASN A 186 1.82 -7.03 9.79
CA ASN A 186 2.28 -8.03 10.76
C ASN A 186 1.28 -8.29 11.88
N LYS A 187 0.69 -7.23 12.41
CA LYS A 187 -0.30 -7.37 13.46
C LYS A 187 -1.53 -8.14 12.96
N VAL A 188 -1.87 -7.96 11.69
CA VAL A 188 -2.97 -8.74 11.09
C VAL A 188 -2.70 -10.24 11.24
N GLN A 189 -1.51 -10.69 10.88
CA GLN A 189 -1.17 -12.09 11.08
C GLN A 189 -1.17 -12.53 12.55
N LYS A 190 -0.69 -11.69 13.46
CA LYS A 190 -0.72 -12.06 14.90
C LYS A 190 -2.15 -12.34 15.39
N GLU A 191 -3.10 -11.50 14.97
CA GLU A 191 -4.48 -11.67 15.40
C GLU A 191 -5.10 -12.91 14.79
N LYS A 192 -4.67 -13.24 13.57
CA LYS A 192 -5.12 -14.47 12.90
C LYS A 192 -4.68 -15.72 13.64
N GLN A 193 -3.44 -15.72 14.13
CA GLN A 193 -2.89 -16.82 14.91
C GLN A 193 -3.70 -17.08 16.18
N ASP A 194 -4.04 -16.01 16.89
CA ASP A 194 -4.89 -16.09 18.10
C ASP A 194 -6.29 -16.58 17.79
N VAL A 195 -6.91 -15.99 16.77
CA VAL A 195 -8.28 -16.33 16.37
C VAL A 195 -8.36 -17.80 15.96
N ASP A 196 -7.33 -18.26 15.26
CA ASP A 196 -7.30 -19.64 14.82
C ASP A 196 -6.73 -20.55 15.92
#